data_9PHT
#
_entry.id   9PHT
#
_cell.length_a   116.388
_cell.length_b   116.388
_cell.length_c   141.506
_cell.angle_alpha   90.000
_cell.angle_beta   90.000
_cell.angle_gamma   120.000
#
_symmetry.space_group_name_H-M   'P 3 2 1'
#
loop_
_entity.id
_entity.type
_entity.pdbx_description
1 polymer Hemagglutinin
2 polymer Hemagglutinin
3 polymer 'cyclic peptide CP141085'
4 non-polymer 2-acetamido-2-deoxy-beta-D-glucopyranose
5 water water
#
loop_
_entity_poly.entity_id
_entity_poly.type
_entity_poly.pdbx_seq_one_letter_code
_entity_poly.pdbx_strand_id
1 'polypeptide(L)'
;ADPGDQICIGYHANNSTEQVDTIMEKNVTVTHAQDILEKKHNGKLCDLDGVKPLILRDCSVAGWLLGNPMCDEFINVPEW
SYIVEKANPVNDLCYPGDFNDYEELKHLLSRINHFEKIQIIPKSSWSSHEASLGVSSACPYQGKSSFFRNVVWLIKKNST
YPTIKRSYNNTNQEDLLVLWGIHHPNDAAEQTKLYQNPTTYISVGTSTLNQRLVPRIATRSKVNGQSGRMEFFWTILKPN
DAINFESNGNFIAPEYAYKIVKKGDSTIMKSELEYGNCNTKCQTPMGAINSSMPFHNIHPLTIGECPKYVKSNRLVLATG
LRNSPQRERRRKKR
;
A
2 'polypeptide(L)'
;GLFGAIAGFIEGGWQGMVDGWYGYHHSNEQGSGYAADKESTQKAIDGVTNKVNSIIDKMNTQFEAVGREFNNLERRIENL
NKKMEDGFLDVWTYNAELLVLMENERTLDFHDSNVKNLYDKVRLQLRDNAKELGNGCFEFYHKCDNECMESVRNGTYDYP
QYSEEARLKREEISS
;
B
3 'polypeptide(L)' (DPR)PVSLYEDPLGVAGGMGVY G
#
loop_
_chem_comp.id
_chem_comp.type
_chem_comp.name
_chem_comp.formula
NAG D-saccharide, beta linking 2-acetamido-2-deoxy-beta-D-glucopyranose 'C8 H15 N O6'
#
# COMPACT_ATOMS: atom_id res chain seq x y z
N ASP A 2 -1.37 -7.22 67.36
CA ASP A 2 -0.23 -7.46 66.47
C ASP A 2 -0.76 -7.62 65.05
N PRO A 3 0.12 -7.49 63.99
CA PRO A 3 -0.40 -7.22 62.63
C PRO A 3 -1.50 -8.16 62.16
N GLY A 4 -2.68 -7.61 61.91
CA GLY A 4 -3.78 -8.37 61.37
C GLY A 4 -3.54 -8.85 59.95
N ASP A 5 -4.48 -9.60 59.40
CA ASP A 5 -4.35 -10.06 58.02
C ASP A 5 -4.40 -8.88 57.06
N GLN A 6 -3.80 -9.06 55.89
CA GLN A 6 -3.72 -8.02 54.89
C GLN A 6 -4.20 -8.51 53.53
N ILE A 7 -4.72 -7.58 52.74
CA ILE A 7 -4.91 -7.79 51.31
C ILE A 7 -4.54 -6.49 50.61
N CYS A 8 -3.78 -6.61 49.53
CA CYS A 8 -3.28 -5.46 48.78
C CYS A 8 -3.78 -5.53 47.35
N ILE A 9 -4.07 -4.36 46.79
CA ILE A 9 -4.50 -4.25 45.40
C ILE A 9 -3.31 -3.76 44.59
N GLY A 10 -3.03 -4.43 43.47
CA GLY A 10 -1.87 -4.11 42.68
C GLY A 10 -2.09 -4.45 41.24
N TYR A 11 -1.00 -4.38 40.47
CA TYR A 11 -1.13 -4.50 39.02
C TYR A 11 0.09 -5.22 38.43
N HIS A 12 -0.07 -5.62 37.18
CA HIS A 12 0.90 -6.47 36.50
C HIS A 12 2.19 -5.73 36.20
N ALA A 13 3.31 -6.46 36.32
CA ALA A 13 4.60 -6.05 35.80
C ALA A 13 5.23 -7.26 35.12
N ASN A 14 6.21 -7.01 34.26
CA ASN A 14 6.84 -8.11 33.54
C ASN A 14 8.20 -7.67 33.00
N ASN A 15 8.78 -8.52 32.17
CA ASN A 15 10.10 -8.36 31.56
C ASN A 15 10.08 -7.47 30.32
N SER A 16 8.96 -6.82 30.03
CA SER A 16 8.80 -6.14 28.75
C SER A 16 9.69 -4.90 28.65
N THR A 17 10.26 -4.72 27.46
CA THR A 17 11.06 -3.53 27.14
C THR A 17 10.42 -2.70 26.04
N GLU A 18 9.23 -3.06 25.58
CA GLU A 18 8.56 -2.31 24.52
C GLU A 18 8.25 -0.90 24.99
N GLN A 19 8.46 0.07 24.10
CA GLN A 19 8.28 1.48 24.43
C GLN A 19 7.24 2.10 23.52
N VAL A 20 6.41 2.96 24.10
CA VAL A 20 5.42 3.74 23.35
C VAL A 20 5.64 5.21 23.70
N ASP A 21 5.10 6.08 22.84
CA ASP A 21 5.17 7.51 23.04
C ASP A 21 3.80 8.08 23.34
N THR A 22 3.77 9.18 24.09
CA THR A 22 2.56 9.95 24.35
C THR A 22 2.86 11.42 24.09
N ILE A 23 1.83 12.25 24.21
CA ILE A 23 2.01 13.68 23.99
C ILE A 23 2.97 14.26 25.02
N MET A 24 2.88 13.80 26.26
CA MET A 24 3.63 14.38 27.37
C MET A 24 4.88 13.60 27.73
N GLU A 25 5.17 12.49 27.05
CA GLU A 25 6.27 11.63 27.45
C GLU A 25 6.61 10.67 26.32
N LYS A 26 7.90 10.57 26.01
CA LYS A 26 8.39 9.64 25.00
C LYS A 26 9.02 8.43 25.68
N ASN A 27 9.15 7.35 24.90
CA ASN A 27 9.92 6.16 25.27
C ASN A 27 9.45 5.59 26.62
N VAL A 28 8.14 5.41 26.74
CA VAL A 28 7.54 4.86 27.95
C VAL A 28 7.44 3.36 27.82
N THR A 29 8.10 2.64 28.72
CA THR A 29 8.05 1.18 28.70
C THR A 29 6.69 0.69 29.16
N VAL A 30 6.14 -0.28 28.43
CA VAL A 30 4.85 -0.86 28.73
C VAL A 30 4.98 -2.38 28.82
N THR A 31 4.05 -2.99 29.56
CA THR A 31 4.04 -4.44 29.65
C THR A 31 3.59 -5.10 28.37
N HIS A 32 2.80 -4.40 27.55
CA HIS A 32 2.25 -4.99 26.34
C HIS A 32 2.04 -3.89 25.30
N ALA A 33 2.55 -4.13 24.08
CA ALA A 33 2.38 -3.22 22.97
C ALA A 33 2.00 -4.00 21.72
N GLN A 34 1.60 -3.27 20.70
CA GLN A 34 1.33 -3.83 19.37
C GLN A 34 1.97 -2.93 18.34
N ASP A 35 3.03 -3.44 17.71
CA ASP A 35 3.57 -2.78 16.53
C ASP A 35 2.56 -2.91 15.39
N ILE A 36 2.27 -1.79 14.72
CA ILE A 36 1.29 -1.80 13.64
C ILE A 36 1.90 -1.28 12.34
N LEU A 37 3.23 -1.25 12.25
CA LEU A 37 3.92 -0.70 11.09
C LEU A 37 4.79 -1.78 10.46
N GLU A 38 4.52 -2.10 9.20
CA GLU A 38 5.34 -3.05 8.45
C GLU A 38 6.51 -2.30 7.82
N LYS A 39 7.73 -2.75 8.12
CA LYS A 39 8.94 -2.09 7.63
C LYS A 39 9.77 -2.98 6.73
N LYS A 40 9.31 -4.18 6.39
CA LYS A 40 10.12 -5.17 5.69
C LYS A 40 9.44 -5.58 4.39
N HIS A 41 10.27 -5.87 3.38
CA HIS A 41 9.83 -6.37 2.09
C HIS A 41 10.88 -7.36 1.58
N ASN A 42 10.52 -8.13 0.55
CA ASN A 42 11.39 -9.19 0.07
C ASN A 42 12.32 -8.75 -1.06
N GLY A 43 12.25 -7.49 -1.49
CA GLY A 43 13.14 -6.98 -2.50
C GLY A 43 12.99 -7.59 -3.87
N LYS A 44 11.82 -8.17 -4.16
CA LYS A 44 11.61 -8.88 -5.41
C LYS A 44 10.30 -8.43 -6.06
N LEU A 45 10.29 -8.46 -7.39
CA LEU A 45 9.06 -8.27 -8.17
C LEU A 45 8.44 -9.63 -8.43
N CYS A 46 7.24 -9.85 -7.92
CA CYS A 46 6.61 -11.16 -7.91
C CYS A 46 5.28 -11.10 -8.65
N ASP A 47 4.69 -12.28 -8.89
CA ASP A 47 3.32 -12.38 -9.37
C ASP A 47 2.36 -11.76 -8.37
N LEU A 48 1.24 -11.23 -8.87
CA LEU A 48 0.17 -10.70 -8.05
C LEU A 48 -0.98 -11.69 -8.07
N ASP A 49 -1.15 -12.43 -6.97
CA ASP A 49 -2.20 -13.43 -6.83
C ASP A 49 -2.14 -14.45 -7.97
N GLY A 50 -0.93 -14.94 -8.24
CA GLY A 50 -0.71 -15.95 -9.25
C GLY A 50 -0.50 -15.44 -10.65
N VAL A 51 -0.94 -14.22 -10.96
CA VAL A 51 -0.78 -13.65 -12.29
C VAL A 51 0.58 -12.96 -12.38
N LYS A 52 1.37 -13.33 -13.37
CA LYS A 52 2.69 -12.73 -13.55
C LYS A 52 2.55 -11.33 -14.15
N PRO A 53 3.37 -10.38 -13.70
CA PRO A 53 3.34 -9.04 -14.30
C PRO A 53 3.92 -9.03 -15.71
N LEU A 54 3.98 -7.84 -16.31
CA LEU A 54 4.61 -7.64 -17.60
C LEU A 54 5.87 -6.80 -17.36
N ILE A 55 7.02 -7.46 -17.33
CA ILE A 55 8.29 -6.79 -17.12
C ILE A 55 8.84 -6.40 -18.48
N LEU A 56 8.93 -5.10 -18.74
CA LEU A 56 9.37 -4.59 -20.03
C LEU A 56 10.89 -4.46 -20.14
N ARG A 57 11.61 -4.76 -19.06
CA ARG A 57 13.07 -4.78 -19.06
C ARG A 57 13.63 -3.47 -19.61
N ASP A 58 14.35 -3.52 -20.73
CA ASP A 58 14.97 -2.33 -21.30
C ASP A 58 14.11 -1.65 -22.37
N CYS A 59 12.89 -2.14 -22.58
CA CYS A 59 11.99 -1.56 -23.56
C CYS A 59 10.94 -0.70 -22.88
N SER A 60 10.60 0.43 -23.50
CA SER A 60 9.55 1.28 -22.99
C SER A 60 8.19 0.80 -23.49
N VAL A 61 7.13 1.49 -23.08
CA VAL A 61 5.78 1.16 -23.54
C VAL A 61 5.67 1.38 -25.05
N ALA A 62 6.26 2.48 -25.54
CA ALA A 62 6.22 2.79 -26.97
C ALA A 62 6.96 1.73 -27.79
N GLY A 63 8.18 1.36 -27.36
CA GLY A 63 8.91 0.32 -28.06
C GLY A 63 8.18 -1.01 -28.06
N TRP A 64 7.45 -1.29 -26.98
CA TRP A 64 6.66 -2.52 -26.92
C TRP A 64 5.55 -2.49 -27.95
N LEU A 65 4.69 -1.47 -27.90
CA LEU A 65 3.50 -1.48 -28.74
C LEU A 65 3.81 -1.22 -30.21
N LEU A 66 4.84 -0.42 -30.50
CA LEU A 66 5.22 -0.18 -31.88
C LEU A 66 6.02 -1.33 -32.46
N GLY A 67 6.74 -2.06 -31.63
CA GLY A 67 7.52 -3.19 -32.09
C GLY A 67 8.94 -2.82 -32.45
N ASN A 68 9.60 -2.04 -31.60
CA ASN A 68 11.02 -1.80 -31.71
C ASN A 68 11.73 -3.15 -31.85
N PRO A 69 12.55 -3.36 -32.89
CA PRO A 69 13.17 -4.67 -33.10
C PRO A 69 13.87 -5.23 -31.87
N MET A 70 14.44 -4.35 -31.05
CA MET A 70 15.05 -4.78 -29.79
C MET A 70 14.02 -5.17 -28.73
N CYS A 71 12.73 -5.25 -29.05
CA CYS A 71 11.69 -5.59 -28.09
C CYS A 71 10.95 -6.87 -28.46
N ASP A 72 11.60 -7.75 -29.22
CA ASP A 72 10.93 -8.96 -29.72
C ASP A 72 10.45 -9.86 -28.59
N GLU A 73 11.01 -9.72 -27.39
CA GLU A 73 10.52 -10.51 -26.26
C GLU A 73 9.05 -10.23 -25.96
N PHE A 74 8.53 -9.09 -26.42
CA PHE A 74 7.17 -8.68 -26.10
C PHE A 74 6.28 -8.63 -27.34
N ILE A 75 6.55 -9.51 -28.31
CA ILE A 75 5.77 -9.54 -29.54
C ILE A 75 4.33 -9.94 -29.27
N ASN A 76 4.11 -10.85 -28.30
CA ASN A 76 2.75 -11.33 -28.00
C ASN A 76 2.70 -11.73 -26.53
N VAL A 77 2.57 -10.75 -25.66
CA VAL A 77 2.64 -10.98 -24.21
C VAL A 77 1.32 -11.55 -23.71
N PRO A 78 1.35 -12.45 -22.73
CA PRO A 78 0.11 -12.97 -22.16
C PRO A 78 -0.49 -11.99 -21.16
N GLU A 79 -1.64 -12.37 -20.62
CA GLU A 79 -2.33 -11.57 -19.62
C GLU A 79 -1.40 -11.27 -18.44
N TRP A 80 -1.46 -10.04 -17.96
CA TRP A 80 -0.59 -9.57 -16.89
C TRP A 80 -1.42 -9.03 -15.73
N SER A 81 -0.74 -8.82 -14.59
CA SER A 81 -1.33 -8.25 -13.39
C SER A 81 -0.95 -6.80 -13.19
N TYR A 82 0.29 -6.45 -13.49
CA TYR A 82 0.72 -5.06 -13.60
C TYR A 82 1.85 -5.03 -14.61
N ILE A 83 2.19 -3.82 -15.05
CA ILE A 83 3.29 -3.61 -15.98
C ILE A 83 4.44 -3.01 -15.20
N VAL A 84 5.67 -3.38 -15.54
CA VAL A 84 6.86 -2.80 -14.93
C VAL A 84 7.70 -2.18 -16.03
N GLU A 85 8.06 -0.91 -15.85
CA GLU A 85 8.91 -0.20 -16.79
C GLU A 85 10.01 0.52 -16.01
N LYS A 86 11.21 0.53 -16.57
CA LYS A 86 12.30 1.21 -15.89
C LYS A 86 12.15 2.72 -16.02
N ALA A 87 12.91 3.45 -15.21
CA ALA A 87 12.80 4.91 -15.19
C ALA A 87 13.18 5.50 -16.55
N ASN A 88 14.25 5.00 -17.15
CA ASN A 88 14.72 5.48 -18.46
C ASN A 88 15.10 4.29 -19.32
N PRO A 89 14.10 3.62 -19.91
CA PRO A 89 14.40 2.47 -20.78
C PRO A 89 15.30 2.88 -21.94
N VAL A 90 16.15 1.94 -22.36
CA VAL A 90 17.07 2.23 -23.44
C VAL A 90 16.47 1.94 -24.81
N ASN A 91 15.49 1.03 -24.88
CA ASN A 91 14.84 0.68 -26.14
C ASN A 91 13.49 1.40 -26.18
N ASP A 92 13.50 2.61 -26.71
CA ASP A 92 12.28 3.40 -26.87
C ASP A 92 11.99 3.59 -28.34
N LEU A 93 12.17 4.81 -28.85
CA LEU A 93 12.00 5.10 -30.28
C LEU A 93 13.37 4.97 -30.93
N CYS A 94 13.63 3.82 -31.54
CA CYS A 94 14.90 3.62 -32.22
C CYS A 94 15.08 4.64 -33.33
N TYR A 95 14.07 4.79 -34.19
CA TYR A 95 14.04 5.94 -35.09
C TYR A 95 13.48 7.14 -34.31
N PRO A 96 14.26 8.22 -34.17
CA PRO A 96 13.86 9.30 -33.27
C PRO A 96 12.58 10.00 -33.72
N GLY A 97 11.84 10.52 -32.73
CA GLY A 97 10.60 11.21 -33.02
C GLY A 97 9.73 11.47 -31.81
N ASP A 98 8.42 11.48 -32.01
CA ASP A 98 7.48 11.78 -30.94
C ASP A 98 6.31 10.80 -30.98
N PHE A 99 5.72 10.59 -29.81
CA PHE A 99 4.56 9.71 -29.64
C PHE A 99 3.41 10.59 -29.14
N ASN A 100 2.46 10.90 -30.04
CA ASN A 100 1.39 11.84 -29.71
C ASN A 100 0.48 11.26 -28.63
N ASP A 101 0.16 12.10 -27.64
CA ASP A 101 -0.74 11.72 -26.54
C ASP A 101 -0.24 10.47 -25.83
N TYR A 102 1.08 10.39 -25.62
CA TYR A 102 1.69 9.19 -25.06
C TYR A 102 1.21 8.92 -23.65
N GLU A 103 1.16 9.96 -22.81
CA GLU A 103 0.82 9.78 -21.40
C GLU A 103 -0.64 9.38 -21.23
N GLU A 104 -1.53 9.93 -22.05
CA GLU A 104 -2.92 9.50 -22.02
C GLU A 104 -3.05 8.03 -22.41
N LEU A 105 -2.21 7.58 -23.36
CA LEU A 105 -2.24 6.16 -23.75
C LEU A 105 -1.76 5.27 -22.61
N LYS A 106 -0.69 5.68 -21.91
CA LYS A 106 -0.26 4.89 -20.76
C LYS A 106 -1.31 4.89 -19.65
N HIS A 107 -2.04 6.00 -19.49
CA HIS A 107 -3.17 6.01 -18.55
C HIS A 107 -4.21 4.98 -18.95
N LEU A 108 -4.59 4.94 -20.24
CA LEU A 108 -5.45 3.87 -20.73
C LEU A 108 -4.88 2.51 -20.38
N LEU A 109 -3.56 2.34 -20.56
CA LEU A 109 -2.91 1.07 -20.28
C LEU A 109 -3.14 0.62 -18.84
N SER A 110 -2.95 1.54 -17.88
CA SER A 110 -3.09 1.17 -16.46
C SER A 110 -4.51 0.61 -16.10
N ARG A 111 -5.41 0.34 -17.06
CA ARG A 111 -6.69 -0.31 -16.80
C ARG A 111 -6.91 -1.52 -17.70
N ILE A 112 -5.91 -1.91 -18.48
CA ILE A 112 -6.00 -3.06 -19.38
C ILE A 112 -5.08 -4.15 -18.85
N ASN A 113 -5.58 -5.39 -18.86
CA ASN A 113 -4.78 -6.52 -18.42
C ASN A 113 -4.29 -7.41 -19.54
N HIS A 114 -4.87 -7.32 -20.74
CA HIS A 114 -4.48 -8.23 -21.81
C HIS A 114 -4.78 -7.61 -23.17
N PHE A 115 -3.77 -7.56 -24.03
CA PHE A 115 -3.94 -7.23 -25.43
C PHE A 115 -4.00 -8.50 -26.27
N GLU A 116 -4.56 -8.39 -27.46
CA GLU A 116 -4.58 -9.49 -28.43
C GLU A 116 -4.25 -8.88 -29.79
N LYS A 117 -3.02 -9.09 -30.25
CA LYS A 117 -2.58 -8.44 -31.48
C LYS A 117 -3.17 -9.13 -32.71
N ILE A 118 -3.78 -8.33 -33.59
CA ILE A 118 -4.37 -8.82 -34.83
C ILE A 118 -3.82 -8.02 -36.00
N GLN A 119 -3.68 -8.69 -37.14
CA GLN A 119 -3.20 -8.05 -38.36
C GLN A 119 -4.40 -7.46 -39.10
N ILE A 120 -4.46 -6.13 -39.16
CA ILE A 120 -5.62 -5.44 -39.74
C ILE A 120 -5.31 -4.96 -41.15
N ILE A 121 -4.04 -4.68 -41.43
CA ILE A 121 -3.60 -4.33 -42.78
C ILE A 121 -2.35 -5.14 -43.10
N PRO A 122 -2.45 -6.25 -43.83
CA PRO A 122 -1.29 -7.10 -44.08
C PRO A 122 -0.25 -6.40 -44.94
N LYS A 123 1.00 -6.46 -44.50
CA LYS A 123 2.13 -5.91 -45.25
C LYS A 123 2.21 -6.47 -46.66
N SER A 124 1.64 -7.64 -46.90
CA SER A 124 1.57 -8.19 -48.25
C SER A 124 0.75 -7.30 -49.18
N SER A 125 -0.38 -6.80 -48.68
CA SER A 125 -1.42 -6.26 -49.54
C SER A 125 -1.07 -4.92 -50.19
N TRP A 126 0.19 -4.51 -50.12
CA TRP A 126 0.62 -3.25 -50.72
C TRP A 126 1.19 -3.56 -52.10
N SER A 127 0.32 -3.58 -53.10
CA SER A 127 0.73 -3.97 -54.44
C SER A 127 1.31 -2.80 -55.24
N SER A 128 0.86 -1.59 -54.98
CA SER A 128 1.32 -0.42 -55.71
C SER A 128 2.42 0.35 -54.98
N HIS A 129 2.87 -0.14 -53.83
CA HIS A 129 3.94 0.50 -53.07
C HIS A 129 4.90 -0.56 -52.56
N GLU A 130 6.14 -0.15 -52.31
CA GLU A 130 7.16 -1.03 -51.76
C GLU A 130 7.01 -1.08 -50.25
N ALA A 131 6.54 -2.21 -49.73
CA ALA A 131 6.24 -2.34 -48.31
C ALA A 131 7.37 -2.99 -47.52
N SER A 132 8.52 -3.23 -48.15
CA SER A 132 9.64 -3.91 -47.50
C SER A 132 10.97 -3.17 -47.66
N LEU A 133 10.93 -1.88 -48.00
CA LEU A 133 12.16 -1.10 -48.09
C LEU A 133 12.36 -0.16 -46.91
N GLY A 134 11.30 0.11 -46.14
CA GLY A 134 11.39 1.05 -45.04
C GLY A 134 12.18 0.55 -43.85
N VAL A 135 13.51 0.59 -43.96
CA VAL A 135 14.40 0.15 -42.90
C VAL A 135 15.41 1.26 -42.60
N SER A 136 16.05 1.13 -41.44
CA SER A 136 16.99 2.14 -40.96
C SER A 136 18.02 1.48 -40.07
N SER A 137 19.19 2.13 -39.98
CA SER A 137 20.26 1.71 -39.09
C SER A 137 20.03 2.18 -37.66
N ALA A 138 19.19 3.18 -37.46
CA ALA A 138 18.77 3.55 -36.11
C ALA A 138 17.93 2.46 -35.45
N CYS A 139 17.26 1.62 -36.25
CA CYS A 139 16.50 0.47 -35.75
C CYS A 139 17.14 -0.80 -36.31
N PRO A 140 18.26 -1.23 -35.74
CA PRO A 140 18.92 -2.44 -36.23
C PRO A 140 18.40 -3.70 -35.55
N TYR A 141 18.47 -4.80 -36.30
CA TYR A 141 18.11 -6.11 -35.78
C TYR A 141 19.03 -7.13 -36.43
N GLN A 142 19.88 -7.76 -35.63
CA GLN A 142 20.83 -8.78 -36.09
C GLN A 142 21.71 -8.24 -37.22
N GLY A 143 22.30 -7.08 -36.96
CA GLY A 143 23.30 -6.52 -37.86
C GLY A 143 22.80 -6.05 -39.20
N LYS A 144 21.48 -5.91 -39.37
CA LYS A 144 20.93 -5.39 -40.61
C LYS A 144 19.76 -4.46 -40.30
N SER A 145 19.66 -3.39 -41.08
CA SER A 145 18.71 -2.32 -40.84
C SER A 145 17.28 -2.87 -40.76
N SER A 146 16.47 -2.24 -39.92
CA SER A 146 15.14 -2.77 -39.63
C SER A 146 14.21 -1.61 -39.28
N PHE A 147 13.08 -1.93 -38.65
CA PHE A 147 12.05 -0.94 -38.34
C PHE A 147 11.05 -1.56 -37.38
N PHE A 148 10.16 -0.72 -36.84
CA PHE A 148 9.12 -1.19 -35.94
C PHE A 148 8.29 -2.26 -36.62
N ARG A 149 8.07 -3.37 -35.89
CA ARG A 149 7.47 -4.56 -36.51
C ARG A 149 5.99 -4.37 -36.79
N ASN A 150 5.31 -3.51 -36.03
CA ASN A 150 3.86 -3.41 -36.11
C ASN A 150 3.38 -2.32 -37.07
N VAL A 151 4.27 -1.49 -37.60
CA VAL A 151 3.90 -0.50 -38.60
C VAL A 151 4.79 -0.66 -39.81
N VAL A 152 4.27 -0.26 -40.96
CA VAL A 152 4.95 -0.42 -42.25
C VAL A 152 5.37 0.96 -42.75
N TRP A 153 6.67 1.14 -42.93
CA TRP A 153 7.19 2.34 -43.59
C TRP A 153 7.11 2.12 -45.10
N LEU A 154 6.14 2.77 -45.74
CA LEU A 154 5.87 2.55 -47.16
C LEU A 154 6.73 3.47 -48.02
N ILE A 155 7.24 2.90 -49.11
CA ILE A 155 8.14 3.59 -50.03
C ILE A 155 7.52 3.57 -51.42
N LYS A 156 7.93 4.55 -52.24
CA LYS A 156 7.46 4.62 -53.62
C LYS A 156 7.92 3.40 -54.41
N LYS A 157 7.13 3.06 -55.43
CA LYS A 157 7.38 1.89 -56.28
C LYS A 157 7.42 2.37 -57.73
N ASN A 158 8.60 2.28 -58.34
CA ASN A 158 8.81 2.71 -59.73
C ASN A 158 8.56 4.21 -59.89
N SER A 159 9.17 4.98 -58.98
CA SER A 159 9.03 6.45 -58.96
C SER A 159 7.56 6.87 -58.93
N THR A 160 6.73 6.05 -58.29
CA THR A 160 5.31 6.34 -58.13
C THR A 160 4.89 6.11 -56.69
N TYR A 161 4.04 7.00 -56.18
CA TYR A 161 3.36 6.82 -54.91
C TYR A 161 1.89 7.15 -55.15
N PRO A 162 1.10 6.17 -55.57
CA PRO A 162 -0.34 6.41 -55.76
C PRO A 162 -1.01 6.73 -54.44
N THR A 163 -2.18 7.37 -54.54
CA THR A 163 -2.91 7.81 -53.35
C THR A 163 -3.55 6.59 -52.69
N ILE A 164 -2.95 6.15 -51.57
CA ILE A 164 -3.55 5.11 -50.74
C ILE A 164 -4.88 5.58 -50.18
N LYS A 165 -5.89 4.71 -50.29
CA LYS A 165 -7.19 4.89 -49.63
C LYS A 165 -7.58 3.53 -49.05
N ARG A 166 -7.18 3.28 -47.81
CA ARG A 166 -7.43 2.00 -47.16
C ARG A 166 -8.33 2.18 -45.94
N SER A 167 -9.33 1.32 -45.80
CA SER A 167 -10.23 1.39 -44.67
C SER A 167 -10.26 0.06 -43.94
N TYR A 168 -10.33 0.13 -42.61
CA TYR A 168 -10.53 -1.05 -41.78
C TYR A 168 -11.73 -0.83 -40.86
N ASN A 169 -12.68 -1.76 -40.90
CA ASN A 169 -13.89 -1.73 -40.09
C ASN A 169 -13.72 -2.71 -38.94
N ASN A 170 -13.64 -2.19 -37.71
CA ASN A 170 -13.50 -3.04 -36.53
C ASN A 170 -14.70 -3.96 -36.37
N THR A 171 -14.58 -5.19 -36.88
CA THR A 171 -15.65 -6.17 -36.80
C THR A 171 -15.67 -6.95 -35.48
N ASN A 172 -14.64 -6.79 -34.65
CA ASN A 172 -14.57 -7.53 -33.41
C ASN A 172 -15.54 -6.96 -32.38
N GLN A 173 -15.62 -7.64 -31.23
CA GLN A 173 -16.48 -7.22 -30.14
C GLN A 173 -15.80 -6.24 -29.19
N GLU A 174 -14.49 -6.11 -29.26
CA GLU A 174 -13.72 -5.32 -28.30
C GLU A 174 -13.20 -4.05 -28.94
N ASP A 175 -12.87 -3.08 -28.09
CA ASP A 175 -12.16 -1.89 -28.56
C ASP A 175 -10.83 -2.30 -29.17
N LEU A 176 -10.36 -1.51 -30.13
CA LEU A 176 -9.15 -1.84 -30.88
C LEU A 176 -8.20 -0.65 -30.86
N LEU A 177 -7.02 -0.84 -30.28
CA LEU A 177 -6.01 0.22 -30.25
C LEU A 177 -5.25 0.20 -31.58
N VAL A 178 -5.49 1.22 -32.40
CA VAL A 178 -4.81 1.35 -33.68
C VAL A 178 -3.73 2.40 -33.57
N LEU A 179 -2.56 2.11 -34.13
CA LEU A 179 -1.42 3.01 -34.17
C LEU A 179 -0.98 3.22 -35.61
N TRP A 180 -0.52 4.43 -35.90
CA TRP A 180 0.01 4.76 -37.21
C TRP A 180 1.02 5.89 -37.04
N GLY A 181 1.59 6.36 -38.15
CA GLY A 181 2.61 7.38 -38.02
C GLY A 181 2.87 8.14 -39.31
N ILE A 182 3.68 9.19 -39.17
CA ILE A 182 4.07 10.05 -40.28
C ILE A 182 5.58 10.27 -40.24
N HIS A 183 6.18 10.44 -41.43
CA HIS A 183 7.60 10.71 -41.57
C HIS A 183 7.84 12.19 -41.83
N HIS A 184 8.80 12.76 -41.10
CA HIS A 184 9.33 14.08 -41.37
C HIS A 184 10.75 13.93 -41.90
N PRO A 185 11.00 14.15 -43.18
CA PRO A 185 12.36 13.99 -43.72
C PRO A 185 13.18 15.26 -43.48
N ASN A 186 14.40 15.25 -44.04
CA ASN A 186 15.35 16.35 -43.84
C ASN A 186 15.21 17.45 -44.87
N ASP A 187 14.87 17.11 -46.11
CA ASP A 187 14.85 18.08 -47.19
C ASP A 187 13.93 17.57 -48.29
N ALA A 188 13.60 18.45 -49.24
CA ALA A 188 12.75 18.08 -50.36
C ALA A 188 13.39 17.01 -51.23
N ALA A 189 14.72 16.97 -51.27
CA ALA A 189 15.44 15.91 -51.97
C ALA A 189 15.00 14.55 -51.46
N GLU A 190 15.26 14.27 -50.18
CA GLU A 190 14.85 13.00 -49.59
C GLU A 190 13.34 12.79 -49.70
N GLN A 191 12.56 13.88 -49.64
CA GLN A 191 11.12 13.76 -49.77
C GLN A 191 10.73 13.13 -51.10
N THR A 192 11.25 13.67 -52.21
CA THR A 192 10.95 13.08 -53.50
C THR A 192 11.62 11.72 -53.67
N LYS A 193 12.80 11.53 -53.08
CA LYS A 193 13.51 10.26 -53.21
C LYS A 193 12.72 9.13 -52.58
N LEU A 194 12.01 9.41 -51.49
CA LEU A 194 11.25 8.36 -50.81
C LEU A 194 9.80 8.27 -51.30
N TYR A 195 9.18 9.40 -51.63
CA TYR A 195 7.74 9.41 -51.90
C TYR A 195 7.36 10.08 -53.22
N GLN A 196 8.32 10.63 -53.96
CA GLN A 196 8.08 11.24 -55.28
C GLN A 196 7.23 12.52 -55.19
N ASN A 197 6.05 12.43 -54.58
CA ASN A 197 5.19 13.60 -54.49
C ASN A 197 5.79 14.64 -53.53
N PRO A 198 5.78 15.92 -53.91
CA PRO A 198 6.47 16.93 -53.09
C PRO A 198 5.68 17.39 -51.86
N THR A 199 4.39 17.68 -52.03
CA THR A 199 3.52 18.09 -50.93
C THR A 199 2.55 16.95 -50.64
N THR A 200 2.72 16.31 -49.49
CA THR A 200 1.99 15.10 -49.12
C THR A 200 1.12 15.36 -47.90
N TYR A 201 0.32 14.34 -47.55
CA TYR A 201 -0.62 14.45 -46.44
C TYR A 201 -1.04 13.04 -46.01
N ILE A 202 -1.64 12.96 -44.82
CA ILE A 202 -2.23 11.73 -44.31
C ILE A 202 -3.52 12.09 -43.59
N SER A 203 -4.66 11.76 -44.20
CA SER A 203 -5.96 11.93 -43.58
C SER A 203 -6.37 10.64 -42.85
N VAL A 204 -6.83 10.80 -41.63
CA VAL A 204 -7.33 9.71 -40.79
C VAL A 204 -8.73 10.06 -40.33
N GLY A 205 -9.65 9.11 -40.45
CA GLY A 205 -11.02 9.38 -40.07
C GLY A 205 -11.77 8.22 -39.43
N THR A 206 -12.48 8.49 -38.34
CA THR A 206 -13.39 7.52 -37.74
C THR A 206 -14.70 8.26 -37.48
N SER A 207 -15.52 7.69 -36.58
CA SER A 207 -16.77 8.34 -36.19
C SER A 207 -16.51 9.60 -35.36
N THR A 208 -15.35 9.69 -34.72
CA THR A 208 -15.00 10.88 -33.94
C THR A 208 -13.67 11.49 -34.33
N LEU A 209 -12.84 10.81 -35.12
CA LEU A 209 -11.52 11.32 -35.50
C LEU A 209 -11.59 11.96 -36.88
N ASN A 210 -10.99 13.14 -37.01
CA ASN A 210 -10.97 13.91 -38.25
C ASN A 210 -9.60 14.60 -38.31
N GLN A 211 -8.59 13.85 -38.73
CA GLN A 211 -7.20 14.27 -38.66
C GLN A 211 -6.62 14.38 -40.07
N ARG A 212 -5.81 15.40 -40.30
CA ARG A 212 -5.04 15.51 -41.54
C ARG A 212 -3.64 15.98 -41.18
N LEU A 213 -2.68 15.06 -41.19
CA LEU A 213 -1.29 15.37 -40.93
C LEU A 213 -0.60 15.79 -42.23
N VAL A 214 0.43 16.62 -42.07
CA VAL A 214 1.22 17.11 -43.20
C VAL A 214 2.69 17.10 -42.77
N PRO A 215 3.58 16.52 -43.56
CA PRO A 215 4.98 16.42 -43.13
C PRO A 215 5.63 17.79 -42.97
N ARG A 216 6.38 17.93 -41.88
CA ARG A 216 7.16 19.13 -41.59
C ARG A 216 8.63 18.83 -41.91
N ILE A 217 9.18 19.55 -42.87
CA ILE A 217 10.58 19.40 -43.23
C ILE A 217 11.39 20.47 -42.51
N ALA A 218 12.54 20.05 -41.98
CA ALA A 218 13.43 20.90 -41.21
C ALA A 218 14.77 20.18 -41.09
N THR A 219 15.84 20.96 -41.00
CA THR A 219 17.14 20.38 -40.65
C THR A 219 17.21 20.29 -39.13
N ARG A 220 17.52 19.09 -38.63
CA ARG A 220 17.56 18.85 -37.20
C ARG A 220 18.85 18.12 -36.83
N SER A 221 19.09 18.03 -35.53
CA SER A 221 20.21 17.27 -35.03
C SER A 221 20.00 15.78 -35.28
N LYS A 222 21.10 15.08 -35.53
CA LYS A 222 21.05 13.63 -35.76
C LYS A 222 20.96 12.90 -34.42
N VAL A 223 19.86 12.20 -34.18
CA VAL A 223 19.68 11.33 -33.03
C VAL A 223 19.67 9.89 -33.53
N ASN A 224 20.54 9.06 -32.94
CA ASN A 224 20.74 7.69 -33.40
C ASN A 224 20.99 7.68 -34.91
N GLY A 225 21.75 8.67 -35.40
CA GLY A 225 22.12 8.74 -36.79
C GLY A 225 21.18 9.53 -37.68
N GLN A 226 19.92 9.70 -37.29
CA GLN A 226 18.90 10.28 -38.16
C GLN A 226 18.56 11.71 -37.75
N SER A 227 18.40 12.58 -38.76
CA SER A 227 17.78 13.88 -38.57
C SER A 227 16.29 13.89 -38.91
N GLY A 228 15.82 12.93 -39.70
CA GLY A 228 14.40 12.76 -39.88
C GLY A 228 13.75 12.30 -38.60
N ARG A 229 12.44 12.51 -38.52
CA ARG A 229 11.67 12.12 -37.35
C ARG A 229 10.48 11.27 -37.79
N MET A 230 10.03 10.42 -36.88
CA MET A 230 8.79 9.67 -37.06
C MET A 230 7.86 10.02 -35.93
N GLU A 231 6.67 10.53 -36.27
CA GLU A 231 5.70 10.95 -35.26
C GLU A 231 4.52 9.99 -35.31
N PHE A 232 4.21 9.38 -34.17
CA PHE A 232 3.21 8.34 -34.10
C PHE A 232 1.95 8.82 -33.42
N PHE A 233 0.81 8.31 -33.91
CA PHE A 233 -0.51 8.65 -33.42
C PHE A 233 -1.28 7.36 -33.18
N TRP A 234 -2.33 7.47 -32.38
CA TRP A 234 -3.12 6.31 -32.01
C TRP A 234 -4.57 6.71 -31.81
N THR A 235 -5.43 5.70 -31.78
CA THR A 235 -6.82 5.91 -31.39
C THR A 235 -7.42 4.58 -30.97
N ILE A 236 -8.57 4.66 -30.31
CA ILE A 236 -9.34 3.50 -29.90
C ILE A 236 -10.54 3.40 -30.84
N LEU A 237 -10.51 2.43 -31.75
CA LEU A 237 -11.61 2.18 -32.68
C LEU A 237 -12.62 1.27 -32.01
N LYS A 238 -13.86 1.76 -31.88
CA LYS A 238 -14.91 1.03 -31.20
C LYS A 238 -15.47 -0.06 -32.10
N PRO A 239 -16.17 -1.04 -31.53
CA PRO A 239 -16.80 -2.08 -32.36
C PRO A 239 -17.80 -1.49 -33.34
N ASN A 240 -17.79 -2.02 -34.56
CA ASN A 240 -18.68 -1.65 -35.65
C ASN A 240 -18.30 -0.28 -36.24
N ASP A 241 -17.37 0.43 -35.62
CA ASP A 241 -16.84 1.64 -36.21
C ASP A 241 -15.71 1.29 -37.19
N ALA A 242 -15.36 2.24 -38.04
CA ALA A 242 -14.34 2.02 -39.06
C ALA A 242 -13.39 3.20 -39.15
N ILE A 243 -12.13 2.88 -39.40
CA ILE A 243 -11.06 3.86 -39.59
C ILE A 243 -10.70 3.92 -41.06
N ASN A 244 -10.42 5.13 -41.55
CA ASN A 244 -10.12 5.38 -42.96
C ASN A 244 -8.81 6.13 -43.06
N PHE A 245 -7.90 5.64 -43.89
CA PHE A 245 -6.60 6.24 -44.15
C PHE A 245 -6.54 6.67 -45.61
N GLU A 246 -6.10 7.91 -45.84
CA GLU A 246 -5.81 8.40 -47.18
C GLU A 246 -4.45 9.08 -47.15
N SER A 247 -3.58 8.74 -48.09
CA SER A 247 -2.24 9.32 -48.05
C SER A 247 -1.61 9.28 -49.43
N ASN A 248 -0.73 10.26 -49.68
CA ASN A 248 0.10 10.26 -50.88
C ASN A 248 1.59 10.29 -50.54
N GLY A 249 1.95 9.88 -49.33
CA GLY A 249 3.35 9.83 -48.94
C GLY A 249 3.49 9.98 -47.44
N ASN A 250 4.69 9.64 -46.96
CA ASN A 250 5.10 9.80 -45.56
C ASN A 250 4.21 9.00 -44.60
N PHE A 251 3.49 8.01 -45.12
CA PHE A 251 2.54 7.24 -44.33
C PHE A 251 3.25 6.07 -43.66
N ILE A 252 3.14 5.98 -42.34
CA ILE A 252 3.63 4.82 -41.60
C ILE A 252 2.38 4.01 -41.26
N ALA A 253 2.06 3.09 -42.16
CA ALA A 253 0.76 2.43 -42.17
C ALA A 253 0.64 1.46 -41.00
N PRO A 254 -0.57 1.28 -40.48
CA PRO A 254 -0.77 0.21 -39.51
C PRO A 254 -0.62 -1.15 -40.18
N GLU A 255 -0.02 -2.09 -39.43
CA GLU A 255 -0.12 -3.50 -39.79
C GLU A 255 -0.85 -4.25 -38.67
N TYR A 256 -0.29 -4.31 -37.48
CA TYR A 256 -0.93 -4.96 -36.34
C TYR A 256 -1.55 -3.93 -35.43
N ALA A 257 -2.73 -4.25 -34.90
CA ALA A 257 -3.42 -3.47 -33.89
C ALA A 257 -3.69 -4.37 -32.69
N TYR A 258 -4.20 -3.77 -31.62
CA TYR A 258 -4.36 -4.47 -30.35
C TYR A 258 -5.83 -4.51 -29.96
N LYS A 259 -6.35 -5.72 -29.79
CA LYS A 259 -7.70 -5.96 -29.29
C LYS A 259 -7.65 -5.94 -27.76
N ILE A 260 -8.39 -5.02 -27.15
CA ILE A 260 -8.46 -4.91 -25.70
C ILE A 260 -9.42 -5.96 -25.17
N VAL A 261 -8.90 -7.12 -24.80
CA VAL A 261 -9.74 -8.28 -24.48
C VAL A 261 -9.93 -8.49 -22.98
N LYS A 262 -9.13 -7.85 -22.14
CA LYS A 262 -9.33 -7.94 -20.70
C LYS A 262 -9.03 -6.60 -20.04
N LYS A 263 -9.99 -6.10 -19.29
CA LYS A 263 -9.85 -4.87 -18.52
C LYS A 263 -10.01 -5.17 -17.04
N GLY A 264 -9.48 -4.24 -16.24
CA GLY A 264 -9.39 -4.44 -14.81
C GLY A 264 -8.34 -3.50 -14.23
N ASP A 265 -8.12 -3.66 -12.94
CA ASP A 265 -7.19 -2.79 -12.24
C ASP A 265 -5.76 -3.27 -12.44
N SER A 266 -4.92 -2.36 -12.94
CA SER A 266 -3.53 -2.64 -13.28
C SER A 266 -2.75 -1.35 -13.02
N THR A 267 -1.44 -1.40 -13.29
CA THR A 267 -0.65 -0.20 -13.13
C THR A 267 0.66 -0.34 -13.90
N ILE A 268 1.19 0.80 -14.34
CA ILE A 268 2.54 0.87 -14.86
C ILE A 268 3.44 1.31 -13.70
N MET A 269 4.16 0.35 -13.15
CA MET A 269 5.04 0.56 -12.00
C MET A 269 6.44 0.87 -12.50
N LYS A 270 7.02 1.95 -11.99
CA LYS A 270 8.38 2.36 -12.34
C LYS A 270 9.34 1.69 -11.37
N SER A 271 10.10 0.71 -11.88
CA SER A 271 10.99 -0.08 -11.04
C SER A 271 12.19 -0.53 -11.84
N GLU A 272 13.35 -0.57 -11.18
CA GLU A 272 14.58 -1.08 -11.78
C GLU A 272 14.81 -2.55 -11.49
N LEU A 273 14.00 -3.17 -10.63
CA LEU A 273 14.14 -4.58 -10.34
C LEU A 273 13.69 -5.41 -11.54
N GLU A 274 13.87 -6.73 -11.42
CA GLU A 274 13.43 -7.67 -12.44
C GLU A 274 12.71 -8.82 -11.75
N TYR A 275 12.15 -9.72 -12.55
CA TYR A 275 11.32 -10.80 -12.04
C TYR A 275 12.08 -11.63 -11.01
N GLY A 276 11.41 -11.95 -9.90
CA GLY A 276 12.04 -12.64 -8.79
C GLY A 276 11.47 -14.01 -8.49
N ASN A 277 10.58 -14.51 -9.36
CA ASN A 277 10.05 -15.87 -9.29
C ASN A 277 9.39 -16.16 -7.94
N CYS A 278 8.48 -15.27 -7.56
CA CYS A 278 7.80 -15.38 -6.28
C CYS A 278 6.35 -15.01 -6.49
N ASN A 279 5.55 -15.10 -5.42
CA ASN A 279 4.15 -14.68 -5.46
C ASN A 279 3.88 -13.81 -4.25
N THR A 280 2.94 -12.87 -4.40
CA THR A 280 2.59 -11.97 -3.33
C THR A 280 1.14 -11.55 -3.48
N LYS A 281 0.60 -10.94 -2.42
CA LYS A 281 -0.70 -10.30 -2.47
C LYS A 281 -0.58 -8.78 -2.49
N CYS A 282 0.64 -8.26 -2.36
CA CYS A 282 0.88 -6.81 -2.35
C CYS A 282 2.28 -6.55 -2.89
N GLN A 283 2.37 -5.70 -3.91
CA GLN A 283 3.64 -5.40 -4.58
C GLN A 283 3.91 -3.90 -4.56
N THR A 284 5.17 -3.55 -4.34
CA THR A 284 5.69 -2.19 -4.39
C THR A 284 6.89 -2.16 -5.34
N PRO A 285 7.29 -0.98 -5.84
CA PRO A 285 8.40 -0.94 -6.79
C PRO A 285 9.74 -1.27 -6.16
N MET A 286 9.75 -1.60 -4.87
CA MET A 286 10.95 -1.98 -4.16
C MET A 286 10.92 -3.41 -3.63
N GLY A 287 9.78 -4.07 -3.67
CA GLY A 287 9.66 -5.42 -3.16
C GLY A 287 8.24 -5.72 -2.73
N ALA A 288 7.95 -7.01 -2.62
CA ALA A 288 6.64 -7.46 -2.19
C ALA A 288 6.51 -7.40 -0.68
N ILE A 289 5.26 -7.30 -0.22
CA ILE A 289 4.97 -7.21 1.21
C ILE A 289 4.13 -8.42 1.61
N ASN A 290 4.48 -9.02 2.74
CA ASN A 290 3.83 -10.21 3.29
C ASN A 290 3.54 -9.88 4.75
N SER A 291 2.36 -9.35 5.02
CA SER A 291 2.12 -8.73 6.33
C SER A 291 0.64 -8.78 6.67
N SER A 292 0.36 -8.80 7.98
CA SER A 292 -0.98 -8.64 8.51
C SER A 292 -1.20 -7.28 9.14
N MET A 293 -0.16 -6.45 9.23
CA MET A 293 -0.21 -5.17 9.91
C MET A 293 -1.00 -4.14 9.11
N PRO A 294 -1.68 -3.21 9.78
CA PRO A 294 -2.51 -2.23 9.05
C PRO A 294 -1.73 -1.15 8.34
N PHE A 295 -0.45 -0.97 8.62
CA PHE A 295 0.35 0.10 8.05
C PHE A 295 1.68 -0.41 7.54
N HIS A 296 2.27 0.36 6.63
CA HIS A 296 3.62 0.11 6.15
C HIS A 296 4.23 1.44 5.73
N ASN A 297 5.55 1.45 5.60
CA ASN A 297 6.29 2.65 5.22
C ASN A 297 7.25 2.39 4.07
N ILE A 298 6.94 1.40 3.24
CA ILE A 298 7.86 0.99 2.18
C ILE A 298 7.83 1.97 1.02
N HIS A 299 6.69 2.09 0.35
CA HIS A 299 6.57 2.94 -0.82
C HIS A 299 5.12 3.37 -0.98
N PRO A 300 4.86 4.60 -1.44
CA PRO A 300 3.46 5.03 -1.60
C PRO A 300 2.72 4.32 -2.73
N LEU A 301 3.41 3.89 -3.78
CA LEU A 301 2.78 3.31 -4.96
C LEU A 301 2.79 1.79 -4.85
N THR A 302 1.65 1.21 -4.52
CA THR A 302 1.52 -0.23 -4.36
C THR A 302 0.37 -0.74 -5.22
N ILE A 303 0.31 -2.06 -5.36
CA ILE A 303 -0.83 -2.74 -5.99
C ILE A 303 -1.11 -4.04 -5.25
N GLY A 304 -2.39 -4.35 -5.09
CA GLY A 304 -2.79 -5.57 -4.42
C GLY A 304 -3.57 -5.32 -3.14
N GLU A 305 -3.60 -6.31 -2.26
CA GLU A 305 -4.22 -6.16 -0.94
C GLU A 305 -3.12 -5.74 0.03
N CYS A 306 -2.98 -4.44 0.20
CA CYS A 306 -1.82 -3.86 0.85
C CYS A 306 -2.18 -3.20 2.17
N PRO A 307 -1.20 -3.03 3.06
CA PRO A 307 -1.40 -2.11 4.20
C PRO A 307 -1.47 -0.68 3.71
N LYS A 308 -1.95 0.20 4.60
CA LYS A 308 -2.03 1.61 4.28
C LYS A 308 -0.68 2.26 4.50
N TYR A 309 -0.24 3.06 3.53
CA TYR A 309 1.11 3.63 3.58
C TYR A 309 1.15 4.86 4.47
N VAL A 310 2.22 4.96 5.27
CA VAL A 310 2.50 6.13 6.10
C VAL A 310 3.99 6.38 6.03
N LYS A 311 4.38 7.64 6.28
CA LYS A 311 5.78 8.06 6.20
C LYS A 311 6.54 7.87 7.51
N SER A 312 5.92 7.32 8.55
CA SER A 312 6.57 7.23 9.84
C SER A 312 7.58 6.09 9.89
N ASN A 313 8.59 6.26 10.74
CA ASN A 313 9.59 5.23 10.99
C ASN A 313 9.20 4.32 12.15
N ARG A 314 8.11 4.62 12.84
CA ARG A 314 7.72 3.87 14.03
C ARG A 314 6.28 4.19 14.39
N LEU A 315 5.49 3.15 14.67
CA LEU A 315 4.08 3.31 15.01
C LEU A 315 3.68 2.14 15.89
N VAL A 316 3.65 2.37 17.20
CA VAL A 316 3.44 1.32 18.19
C VAL A 316 2.32 1.73 19.12
N LEU A 317 1.31 0.87 19.26
CA LEU A 317 0.20 1.10 20.17
C LEU A 317 0.51 0.49 21.53
N ALA A 318 0.21 1.23 22.60
CA ALA A 318 0.26 0.68 23.94
C ALA A 318 -1.03 -0.08 24.20
N THR A 319 -0.91 -1.34 24.60
CA THR A 319 -2.06 -2.14 25.03
C THR A 319 -2.08 -2.38 26.53
N GLY A 320 -0.92 -2.54 27.16
CA GLY A 320 -0.80 -2.83 28.57
C GLY A 320 -0.49 -1.61 29.41
N LEU A 321 0.08 -1.85 30.59
CA LEU A 321 0.30 -0.85 31.62
C LEU A 321 1.68 -0.21 31.47
N ARG A 322 1.86 0.90 32.17
CA ARG A 322 3.20 1.43 32.39
C ARG A 322 4.01 0.44 33.22
N ASN A 323 5.07 -0.11 32.62
CA ASN A 323 5.78 -1.24 33.20
C ASN A 323 6.79 -0.77 34.23
N SER A 324 6.77 -1.39 35.41
CA SER A 324 7.65 -1.07 36.53
C SER A 324 9.04 -1.67 36.30
N PRO A 325 10.11 -0.92 36.60
CA PRO A 325 11.48 -1.43 36.53
C PRO A 325 11.74 -2.53 37.55
N GLY B 1 0.79 9.64 36.56
CA GLY B 1 -0.52 9.05 36.37
C GLY B 1 -1.66 10.00 36.67
N LEU B 2 -2.64 10.05 35.76
CA LEU B 2 -3.76 10.96 35.94
C LEU B 2 -4.60 10.60 37.15
N PHE B 3 -4.60 9.33 37.56
CA PHE B 3 -5.44 8.86 38.65
C PHE B 3 -4.65 8.45 39.89
N GLY B 4 -3.32 8.61 39.87
CA GLY B 4 -2.51 8.46 41.06
C GLY B 4 -2.39 7.07 41.64
N ALA B 5 -2.87 6.05 40.94
CA ALA B 5 -2.80 4.67 41.45
C ALA B 5 -1.53 3.99 40.95
N ILE B 6 -1.46 3.71 39.65
CA ILE B 6 -0.25 3.12 39.07
C ILE B 6 0.91 4.08 39.25
N ALA B 7 2.00 3.59 39.84
CA ALA B 7 3.18 4.41 40.13
C ALA B 7 2.79 5.67 40.92
N GLY B 8 1.80 5.52 41.79
CA GLY B 8 1.35 6.58 42.67
C GLY B 8 1.37 6.16 44.12
N PHE B 9 0.19 6.00 44.73
CA PHE B 9 0.17 5.44 46.07
C PHE B 9 0.46 3.95 46.06
N ILE B 10 0.23 3.27 44.94
CA ILE B 10 0.79 1.95 44.69
C ILE B 10 2.06 2.16 43.88
N GLU B 11 3.21 1.89 44.49
CA GLU B 11 4.48 2.39 43.95
C GLU B 11 5.02 1.56 42.80
N GLY B 12 4.80 0.24 42.81
CA GLY B 12 5.34 -0.63 41.79
C GLY B 12 4.33 -1.69 41.37
N GLY B 13 4.74 -2.48 40.37
CA GLY B 13 3.94 -3.57 39.88
C GLY B 13 4.43 -4.92 40.40
N TRP B 14 3.59 -5.94 40.19
CA TRP B 14 3.85 -7.28 40.71
C TRP B 14 4.26 -8.18 39.56
N GLN B 15 5.54 -8.58 39.55
CA GLN B 15 5.97 -9.61 38.62
C GLN B 15 5.33 -10.95 38.93
N GLY B 16 4.90 -11.15 40.19
CA GLY B 16 4.34 -12.41 40.60
C GLY B 16 2.90 -12.65 40.22
N MET B 17 2.15 -11.58 39.92
CA MET B 17 0.79 -11.73 39.41
C MET B 17 0.89 -11.82 37.88
N VAL B 18 1.00 -13.05 37.38
CA VAL B 18 1.37 -13.28 35.99
C VAL B 18 0.18 -13.53 35.07
N ASP B 19 -1.01 -13.75 35.60
CA ASP B 19 -2.18 -14.07 34.79
C ASP B 19 -3.28 -13.02 34.95
N GLY B 20 -2.88 -11.75 35.04
CA GLY B 20 -3.84 -10.67 35.15
C GLY B 20 -3.20 -9.30 35.11
N TRP B 21 -3.91 -8.32 34.54
CA TRP B 21 -3.41 -6.95 34.52
C TRP B 21 -3.55 -6.29 35.89
N TYR B 22 -4.68 -6.51 36.56
CA TYR B 22 -4.93 -6.04 37.90
C TYR B 22 -5.30 -7.22 38.78
N GLY B 23 -5.20 -7.04 40.09
CA GLY B 23 -5.57 -8.12 40.99
C GLY B 23 -5.13 -7.84 42.42
N TYR B 24 -5.11 -8.90 43.21
CA TYR B 24 -4.93 -8.82 44.65
C TYR B 24 -3.77 -9.71 45.08
N HIS B 25 -3.20 -9.37 46.23
CA HIS B 25 -2.25 -10.23 46.93
C HIS B 25 -2.69 -10.29 48.38
N HIS B 26 -3.10 -11.46 48.84
CA HIS B 26 -3.59 -11.61 50.20
C HIS B 26 -2.52 -12.25 51.08
N SER B 27 -2.64 -11.97 52.37
CA SER B 27 -1.71 -12.50 53.36
C SER B 27 -2.40 -12.69 54.70
N ASN B 28 -3.17 -13.77 54.83
CA ASN B 28 -3.65 -14.21 56.12
C ASN B 28 -2.76 -15.36 56.59
N GLU B 29 -3.10 -15.94 57.73
CA GLU B 29 -2.18 -16.89 58.32
C GLU B 29 -2.44 -18.32 57.83
N GLN B 30 -3.48 -18.53 57.02
CA GLN B 30 -3.49 -19.69 56.14
C GLN B 30 -2.37 -19.59 55.12
N GLY B 31 -2.00 -18.38 54.72
CA GLY B 31 -0.92 -18.17 53.78
C GLY B 31 -1.09 -16.86 53.04
N SER B 32 -0.27 -16.71 52.00
CA SER B 32 -0.23 -15.49 51.21
C SER B 32 0.00 -15.86 49.74
N GLY B 33 -0.60 -15.08 48.86
CA GLY B 33 -0.46 -15.36 47.43
C GLY B 33 -1.18 -14.33 46.57
N TYR B 34 -0.92 -14.44 45.27
CA TYR B 34 -1.47 -13.57 44.25
C TYR B 34 -2.71 -14.19 43.62
N ALA B 35 -3.67 -13.35 43.27
CA ALA B 35 -4.87 -13.78 42.55
C ALA B 35 -5.32 -12.66 41.63
N ALA B 36 -5.41 -12.94 40.34
CA ALA B 36 -5.82 -11.93 39.37
C ALA B 36 -7.33 -11.73 39.40
N ASP B 37 -7.74 -10.47 39.27
CA ASP B 37 -9.14 -10.14 39.05
C ASP B 37 -9.41 -10.23 37.55
N LYS B 38 -10.17 -11.24 37.14
CA LYS B 38 -10.39 -11.50 35.72
C LYS B 38 -11.56 -10.72 35.14
N GLU B 39 -12.54 -10.32 35.95
CA GLU B 39 -13.61 -9.48 35.41
C GLU B 39 -13.06 -8.14 34.94
N SER B 40 -12.26 -7.48 35.77
CA SER B 40 -11.71 -6.17 35.40
C SER B 40 -10.69 -6.30 34.27
N THR B 41 -9.84 -7.33 34.33
CA THR B 41 -8.84 -7.51 33.28
C THR B 41 -9.49 -7.84 31.94
N GLN B 42 -10.58 -8.61 31.96
CA GLN B 42 -11.28 -8.92 30.72
C GLN B 42 -12.06 -7.72 30.20
N LYS B 43 -12.63 -6.91 31.10
CA LYS B 43 -13.25 -5.66 30.67
C LYS B 43 -12.23 -4.75 30.01
N ALA B 44 -11.02 -4.69 30.58
CA ALA B 44 -9.96 -3.85 30.00
C ALA B 44 -9.48 -4.41 28.67
N ILE B 45 -9.40 -5.74 28.54
CA ILE B 45 -9.01 -6.34 27.26
C ILE B 45 -10.07 -6.07 26.21
N ASP B 46 -11.35 -6.11 26.60
CA ASP B 46 -12.43 -5.70 25.70
C ASP B 46 -12.22 -4.27 25.21
N GLY B 47 -12.00 -3.35 26.15
CA GLY B 47 -11.83 -1.96 25.78
C GLY B 47 -10.65 -1.74 24.85
N VAL B 48 -9.50 -2.35 25.18
CA VAL B 48 -8.30 -2.16 24.37
C VAL B 48 -8.45 -2.79 23.00
N THR B 49 -9.09 -3.97 22.92
CA THR B 49 -9.33 -4.61 21.63
C THR B 49 -10.24 -3.74 20.76
N ASN B 50 -11.32 -3.22 21.33
CA ASN B 50 -12.20 -2.35 20.55
C ASN B 50 -11.48 -1.08 20.13
N LYS B 51 -10.56 -0.57 20.95
CA LYS B 51 -9.80 0.62 20.58
C LYS B 51 -8.88 0.33 19.39
N VAL B 52 -8.18 -0.80 19.42
CA VAL B 52 -7.30 -1.16 18.31
C VAL B 52 -8.10 -1.30 17.03
N ASN B 53 -9.21 -2.04 17.09
CA ASN B 53 -10.05 -2.20 15.90
C ASN B 53 -10.62 -0.88 15.44
N SER B 54 -10.93 0.04 16.37
CA SER B 54 -11.45 1.35 15.99
C SER B 54 -10.42 2.13 15.19
N ILE B 55 -9.18 2.19 15.69
CA ILE B 55 -8.12 2.90 14.97
C ILE B 55 -7.95 2.31 13.58
N ILE B 56 -7.77 0.99 13.49
CA ILE B 56 -7.50 0.35 12.20
C ILE B 56 -8.67 0.56 11.24
N ASP B 57 -9.91 0.46 11.74
CA ASP B 57 -11.07 0.64 10.87
C ASP B 57 -11.17 2.07 10.38
N LYS B 58 -10.94 3.05 11.25
CA LYS B 58 -10.99 4.43 10.81
C LYS B 58 -9.92 4.75 9.78
N MET B 59 -8.84 3.95 9.73
CA MET B 59 -7.75 4.20 8.78
C MET B 59 -7.90 3.49 7.42
N ASN B 60 -8.98 2.76 7.18
CA ASN B 60 -9.08 2.04 5.91
C ASN B 60 -9.66 2.90 4.78
N THR B 61 -10.14 4.11 5.06
CA THR B 61 -10.51 5.05 4.00
C THR B 61 -9.40 6.03 3.68
N GLN B 62 -8.16 5.70 4.07
CA GLN B 62 -7.07 6.64 3.90
C GLN B 62 -6.62 6.70 2.45
N PHE B 63 -5.94 7.79 2.11
CA PHE B 63 -5.58 8.07 0.73
C PHE B 63 -4.65 7.01 0.18
N GLU B 64 -4.86 6.66 -1.09
CA GLU B 64 -4.02 5.71 -1.82
C GLU B 64 -3.43 6.44 -3.01
N ALA B 65 -2.09 6.47 -3.08
CA ALA B 65 -1.42 7.16 -4.17
C ALA B 65 -1.62 6.41 -5.48
N VAL B 66 -1.53 7.16 -6.58
CA VAL B 66 -1.69 6.63 -7.93
C VAL B 66 -0.56 7.17 -8.80
N GLY B 67 0.07 6.29 -9.57
CA GLY B 67 1.09 6.72 -10.51
C GLY B 67 0.48 7.46 -11.68
N ARG B 68 1.02 8.64 -12.00
CA ARG B 68 0.57 9.42 -13.13
C ARG B 68 1.80 9.98 -13.83
N GLU B 69 1.70 10.14 -15.14
CA GLU B 69 2.85 10.51 -15.97
C GLU B 69 2.53 11.73 -16.81
N PHE B 70 3.54 12.56 -17.03
CA PHE B 70 3.41 13.85 -17.69
C PHE B 70 4.63 14.09 -18.56
N ASN B 71 4.48 14.91 -19.59
CA ASN B 71 5.56 15.16 -20.52
C ASN B 71 6.22 16.51 -20.22
N ASN B 72 7.24 16.83 -21.03
CA ASN B 72 8.15 17.93 -20.71
C ASN B 72 7.43 19.28 -20.62
N LEU B 73 6.30 19.43 -21.30
CA LEU B 73 5.57 20.69 -21.31
C LEU B 73 4.32 20.63 -20.43
N GLU B 74 4.29 19.73 -19.46
CA GLU B 74 3.22 19.62 -18.47
C GLU B 74 3.79 19.66 -17.06
N ARG B 75 4.79 20.53 -16.86
CA ARG B 75 5.47 20.58 -15.56
C ARG B 75 4.57 21.18 -14.48
N ARG B 76 3.67 22.10 -14.86
CA ARG B 76 2.77 22.68 -13.87
C ARG B 76 1.85 21.62 -13.28
N ILE B 77 1.19 20.84 -14.13
CA ILE B 77 0.26 19.85 -13.59
C ILE B 77 0.99 18.65 -13.00
N GLU B 78 2.21 18.35 -13.46
CA GLU B 78 2.98 17.30 -12.77
C GLU B 78 3.35 17.74 -11.35
N ASN B 79 3.76 18.99 -11.20
CA ASN B 79 4.04 19.52 -9.87
C ASN B 79 2.77 19.54 -9.01
N LEU B 80 1.65 19.94 -9.61
CA LEU B 80 0.36 19.91 -8.91
C LEU B 80 0.03 18.51 -8.43
N ASN B 81 0.22 17.52 -9.29
CA ASN B 81 -0.06 16.12 -8.95
C ASN B 81 0.82 15.66 -7.80
N LYS B 82 2.12 15.95 -7.88
CA LYS B 82 3.05 15.55 -6.82
C LYS B 82 2.66 16.18 -5.50
N LYS B 83 2.33 17.47 -5.48
CA LYS B 83 1.99 18.11 -4.22
C LYS B 83 0.65 17.64 -3.69
N MET B 84 -0.32 17.33 -4.57
CA MET B 84 -1.56 16.72 -4.13
C MET B 84 -1.31 15.41 -3.40
N GLU B 85 -0.53 14.52 -4.02
CA GLU B 85 -0.28 13.21 -3.43
C GLU B 85 0.50 13.32 -2.13
N ASP B 86 1.57 14.13 -2.13
CA ASP B 86 2.37 14.30 -0.91
C ASP B 86 1.57 14.98 0.19
N GLY B 87 0.65 15.88 -0.17
CA GLY B 87 -0.18 16.50 0.85
C GLY B 87 -1.11 15.50 1.52
N PHE B 88 -1.74 14.64 0.72
CA PHE B 88 -2.61 13.64 1.31
C PHE B 88 -1.81 12.64 2.16
N LEU B 89 -0.60 12.29 1.71
CA LEU B 89 0.23 11.38 2.50
C LEU B 89 0.64 12.02 3.83
N ASP B 90 1.03 13.29 3.80
CA ASP B 90 1.37 13.99 5.04
C ASP B 90 0.15 14.08 5.95
N VAL B 91 -1.03 14.32 5.39
CA VAL B 91 -2.24 14.42 6.19
C VAL B 91 -2.52 13.11 6.91
N TRP B 92 -2.45 12.00 6.19
CA TRP B 92 -2.80 10.72 6.81
C TRP B 92 -1.71 10.24 7.76
N THR B 93 -0.44 10.58 7.49
CA THR B 93 0.62 10.28 8.46
C THR B 93 0.41 11.07 9.75
N TYR B 94 0.05 12.35 9.64
CA TYR B 94 -0.31 13.13 10.82
C TYR B 94 -1.44 12.48 11.57
N ASN B 95 -2.51 12.10 10.86
CA ASN B 95 -3.65 11.46 11.51
C ASN B 95 -3.23 10.22 12.28
N ALA B 96 -2.49 9.32 11.62
CA ALA B 96 -2.09 8.08 12.27
C ALA B 96 -1.22 8.34 13.50
N GLU B 97 -0.14 9.11 13.33
CA GLU B 97 0.78 9.35 14.43
C GLU B 97 0.10 10.03 15.61
N LEU B 98 -0.73 11.05 15.33
CA LEU B 98 -1.38 11.79 16.40
C LEU B 98 -2.43 10.95 17.11
N LEU B 99 -3.23 10.18 16.36
CA LEU B 99 -4.19 9.29 16.98
C LEU B 99 -3.48 8.28 17.87
N VAL B 100 -2.33 7.76 17.42
CA VAL B 100 -1.59 6.81 18.22
C VAL B 100 -1.08 7.45 19.51
N LEU B 101 -0.51 8.65 19.42
CA LEU B 101 -0.05 9.36 20.62
C LEU B 101 -1.19 9.55 21.62
N MET B 102 -2.30 10.14 21.16
CA MET B 102 -3.41 10.46 22.05
C MET B 102 -4.00 9.20 22.67
N GLU B 103 -4.22 8.15 21.87
CA GLU B 103 -4.84 6.95 22.41
C GLU B 103 -3.87 6.16 23.28
N ASN B 104 -2.57 6.27 23.07
CA ASN B 104 -1.61 5.70 24.00
C ASN B 104 -1.74 6.35 25.38
N GLU B 105 -1.76 7.68 25.40
CA GLU B 105 -1.94 8.40 26.66
C GLU B 105 -3.22 7.97 27.35
N ARG B 106 -4.33 7.92 26.59
CA ARG B 106 -5.61 7.58 27.19
C ARG B 106 -5.65 6.11 27.64
N THR B 107 -4.91 5.23 26.97
CA THR B 107 -4.86 3.83 27.39
C THR B 107 -4.12 3.68 28.72
N LEU B 108 -2.99 4.37 28.86
CA LEU B 108 -2.28 4.32 30.14
C LEU B 108 -3.15 4.86 31.27
N ASP B 109 -3.82 5.99 31.03
CA ASP B 109 -4.72 6.52 32.05
C ASP B 109 -5.90 5.58 32.32
N PHE B 110 -6.34 4.85 31.30
CA PHE B 110 -7.42 3.88 31.47
C PHE B 110 -7.02 2.76 32.44
N HIS B 111 -5.80 2.23 32.26
CA HIS B 111 -5.31 1.22 33.20
C HIS B 111 -5.15 1.79 34.60
N ASP B 112 -4.62 3.01 34.70
CA ASP B 112 -4.49 3.68 36.00
C ASP B 112 -5.84 3.74 36.72
N SER B 113 -6.87 4.19 36.01
CA SER B 113 -8.19 4.35 36.62
C SER B 113 -8.83 3.01 36.94
N ASN B 114 -8.54 1.97 36.15
CA ASN B 114 -9.01 0.63 36.50
C ASN B 114 -8.45 0.18 37.84
N VAL B 115 -7.12 0.35 38.03
CA VAL B 115 -6.52 0.03 39.33
C VAL B 115 -7.20 0.81 40.44
N LYS B 116 -7.34 2.12 40.23
CA LYS B 116 -7.93 2.98 41.27
C LYS B 116 -9.34 2.54 41.61
N ASN B 117 -10.12 2.13 40.61
CA ASN B 117 -11.50 1.72 40.86
C ASN B 117 -11.54 0.40 41.62
N LEU B 118 -10.65 -0.54 41.30
CA LEU B 118 -10.56 -1.78 42.07
C LEU B 118 -10.28 -1.48 43.55
N TYR B 119 -9.27 -0.64 43.79
CA TYR B 119 -8.92 -0.28 45.16
C TYR B 119 -10.09 0.37 45.89
N ASP B 120 -10.76 1.31 45.24
CA ASP B 120 -11.90 1.98 45.85
C ASP B 120 -13.04 1.00 46.12
N LYS B 121 -13.23 0.03 45.23
CA LYS B 121 -14.30 -0.94 45.41
C LYS B 121 -14.09 -1.73 46.70
N VAL B 122 -12.89 -2.27 46.90
CA VAL B 122 -12.73 -3.07 48.12
C VAL B 122 -12.62 -2.18 49.37
N ARG B 123 -12.14 -0.94 49.22
CA ARG B 123 -12.13 -0.03 50.36
C ARG B 123 -13.54 0.29 50.82
N LEU B 124 -14.43 0.61 49.88
CA LEU B 124 -15.82 0.85 50.20
C LEU B 124 -16.50 -0.39 50.74
N GLN B 125 -16.07 -1.57 50.29
CA GLN B 125 -16.58 -2.81 50.87
C GLN B 125 -16.23 -2.91 52.35
N LEU B 126 -14.97 -2.69 52.69
CA LEU B 126 -14.51 -3.03 54.04
C LEU B 126 -14.79 -1.94 55.06
N ARG B 127 -14.71 -0.67 54.66
CA ARG B 127 -15.06 0.47 55.54
C ARG B 127 -14.16 0.43 56.78
N ASP B 128 -14.70 0.67 57.97
CA ASP B 128 -13.88 0.74 59.17
C ASP B 128 -13.52 -0.64 59.73
N ASN B 129 -13.91 -1.72 59.05
CA ASN B 129 -13.46 -3.05 59.43
C ASN B 129 -12.01 -3.33 59.03
N ALA B 130 -11.28 -2.30 58.61
CA ALA B 130 -9.89 -2.46 58.17
C ALA B 130 -9.23 -1.10 58.14
N LYS B 131 -7.93 -1.08 58.46
CA LYS B 131 -7.14 0.13 58.37
C LYS B 131 -6.51 0.25 57.00
N GLU B 132 -6.50 1.48 56.46
CA GLU B 132 -6.02 1.75 55.11
C GLU B 132 -4.55 2.16 55.20
N LEU B 133 -3.66 1.23 54.83
CA LEU B 133 -2.23 1.41 55.05
C LEU B 133 -1.61 2.48 54.16
N GLY B 134 -2.31 2.93 53.11
CA GLY B 134 -1.82 4.01 52.28
C GLY B 134 -0.93 3.60 51.12
N ASN B 135 -0.70 2.30 50.92
CA ASN B 135 0.12 1.83 49.82
C ASN B 135 -0.62 0.85 48.91
N GLY B 136 -1.95 0.80 49.01
CA GLY B 136 -2.73 -0.20 48.30
C GLY B 136 -3.14 -1.39 49.14
N CYS B 137 -2.78 -1.40 50.42
CA CYS B 137 -3.06 -2.53 51.31
C CYS B 137 -4.06 -2.14 52.39
N PHE B 138 -4.77 -3.14 52.89
CA PHE B 138 -5.70 -2.99 54.01
C PHE B 138 -5.31 -3.99 55.09
N GLU B 139 -5.20 -3.51 56.32
CA GLU B 139 -4.90 -4.36 57.47
C GLU B 139 -6.22 -4.66 58.17
N PHE B 140 -6.62 -5.94 58.17
CA PHE B 140 -7.94 -6.31 58.65
C PHE B 140 -8.03 -6.15 60.17
N TYR B 141 -9.09 -5.48 60.62
CA TYR B 141 -9.40 -5.37 62.04
C TYR B 141 -10.03 -6.64 62.60
N HIS B 142 -10.13 -7.68 61.78
CA HIS B 142 -10.54 -9.00 62.21
C HIS B 142 -9.67 -10.01 61.46
N LYS B 143 -10.05 -11.28 61.52
CA LYS B 143 -9.30 -12.32 60.85
C LYS B 143 -10.06 -12.81 59.63
N CYS B 144 -9.36 -12.86 58.49
CA CYS B 144 -9.97 -13.16 57.21
C CYS B 144 -9.39 -14.46 56.64
N ASP B 145 -10.17 -15.53 56.76
CA ASP B 145 -9.84 -16.81 56.14
C ASP B 145 -9.70 -16.66 54.63
N ASN B 146 -9.14 -17.67 53.95
CA ASN B 146 -8.92 -17.61 52.52
C ASN B 146 -10.22 -17.44 51.73
N GLU B 147 -11.35 -17.53 52.41
CA GLU B 147 -12.65 -17.45 51.74
C GLU B 147 -13.34 -16.11 51.90
N CYS B 148 -13.15 -15.38 53.00
CA CYS B 148 -13.51 -13.97 52.93
C CYS B 148 -12.52 -13.18 52.09
N MET B 149 -11.35 -13.76 51.82
CA MET B 149 -10.48 -13.22 50.78
C MET B 149 -11.17 -13.28 49.43
N GLU B 150 -11.73 -14.44 49.07
CA GLU B 150 -12.49 -14.49 47.82
C GLU B 150 -13.79 -13.70 47.93
N SER B 151 -14.32 -13.53 49.14
CA SER B 151 -15.50 -12.71 49.33
C SER B 151 -15.22 -11.24 49.04
N VAL B 152 -14.02 -10.76 49.35
CA VAL B 152 -13.66 -9.39 48.94
C VAL B 152 -13.20 -9.35 47.49
N ARG B 153 -12.77 -10.48 46.93
CA ARG B 153 -12.41 -10.47 45.51
C ARG B 153 -13.62 -10.56 44.58
N ASN B 154 -14.75 -11.12 45.05
CA ASN B 154 -15.94 -11.26 44.23
C ASN B 154 -17.04 -10.27 44.60
N GLY B 155 -16.74 -9.32 45.48
CA GLY B 155 -17.70 -8.27 45.81
C GLY B 155 -18.84 -8.67 46.71
N THR B 156 -18.69 -9.76 47.46
CA THR B 156 -19.76 -10.19 48.36
C THR B 156 -19.27 -10.26 49.81
N TYR B 157 -18.69 -9.17 50.30
CA TYR B 157 -18.17 -9.11 51.66
C TYR B 157 -19.25 -8.55 52.60
N ASP B 158 -19.48 -9.25 53.70
CA ASP B 158 -20.52 -8.87 54.66
C ASP B 158 -19.87 -8.04 55.76
N TYR B 159 -20.11 -6.73 55.72
CA TYR B 159 -19.61 -5.86 56.78
C TYR B 159 -20.27 -6.16 58.13
N PRO B 160 -21.60 -6.28 58.25
CA PRO B 160 -22.19 -6.56 59.58
C PRO B 160 -21.84 -7.94 60.14
N GLN B 161 -21.21 -8.83 59.37
CA GLN B 161 -20.84 -10.13 59.91
C GLN B 161 -19.70 -9.99 60.92
N TYR B 162 -18.65 -9.27 60.54
CA TYR B 162 -17.50 -9.01 61.41
C TYR B 162 -17.53 -7.59 61.97
N SER B 163 -18.67 -6.92 61.88
CA SER B 163 -18.80 -5.54 62.36
C SER B 163 -18.22 -5.38 63.76
N GLU B 164 -18.71 -6.17 64.72
CA GLU B 164 -18.37 -5.90 66.10
C GLU B 164 -17.11 -6.63 66.59
N GLU B 165 -16.56 -7.60 65.84
CA GLU B 165 -15.20 -8.01 66.13
C GLU B 165 -14.19 -6.97 65.64
N ALA B 166 -14.46 -6.38 64.47
CA ALA B 166 -13.68 -5.23 64.04
C ALA B 166 -13.82 -4.08 65.03
N ARG B 167 -15.01 -3.87 65.58
CA ARG B 167 -15.20 -2.82 66.58
C ARG B 167 -14.53 -3.18 67.91
N LEU B 168 -14.52 -4.47 68.26
CA LEU B 168 -13.65 -5.03 69.30
C LEU B 168 -12.23 -4.50 69.16
N LYS B 169 -11.59 -4.84 68.06
CA LYS B 169 -10.18 -4.47 67.90
C LYS B 169 -10.01 -2.97 67.70
N ARG B 170 -11.01 -2.27 67.16
CA ARG B 170 -10.92 -0.82 67.04
C ARG B 170 -10.93 -0.16 68.42
N GLU B 171 -11.80 -0.63 69.31
CA GLU B 171 -11.80 -0.13 70.69
C GLU B 171 -10.53 -0.53 71.41
N GLU B 172 -9.99 -1.71 71.11
CA GLU B 172 -8.73 -2.14 71.70
C GLU B 172 -7.58 -1.23 71.28
N ILE B 173 -7.40 -1.03 69.97
CA ILE B 173 -6.34 -0.14 69.49
C ILE B 173 -6.53 1.28 70.04
N SER B 174 -7.78 1.73 70.20
CA SER B 174 -7.93 3.09 70.71
C SER B 174 -7.49 3.21 72.18
N SER B 175 -7.14 2.11 72.83
CA SER B 175 -6.57 2.18 74.19
C SER B 175 -5.56 1.05 74.42
N DPR C 1 -0.36 -22.87 27.25
CA DPR C 1 -0.44 -23.72 26.06
CB DPR C 1 0.82 -23.32 25.27
CG DPR C 1 1.77 -22.85 26.31
CD DPR C 1 0.93 -22.18 27.36
C DPR C 1 -1.68 -23.47 25.20
O DPR C 1 -1.86 -22.36 24.70
N PRO C 2 -2.53 -24.49 25.04
CA PRO C 2 -3.67 -24.47 24.12
C PRO C 2 -4.98 -23.95 24.73
N VAL C 3 -4.88 -23.07 25.73
CA VAL C 3 -6.05 -22.56 26.43
C VAL C 3 -5.65 -21.24 27.07
N SER C 4 -6.65 -20.35 27.26
CA SER C 4 -6.38 -19.04 27.84
C SER C 4 -7.46 -18.69 28.84
N LEU C 5 -7.08 -17.90 29.85
CA LEU C 5 -8.02 -17.36 30.81
C LEU C 5 -8.93 -16.30 30.21
N TYR C 6 -8.54 -15.72 29.08
CA TYR C 6 -9.19 -14.53 28.55
C TYR C 6 -9.53 -14.69 27.07
N GLU C 7 -10.58 -14.01 26.65
CA GLU C 7 -10.90 -13.83 25.24
C GLU C 7 -10.03 -12.70 24.71
N ASP C 8 -9.00 -13.03 23.93
CA ASP C 8 -7.99 -12.07 23.49
C ASP C 8 -7.68 -12.32 22.03
N PRO C 9 -8.59 -11.94 21.13
CA PRO C 9 -8.37 -12.25 19.71
C PRO C 9 -7.15 -11.57 19.11
N LEU C 10 -6.89 -10.32 19.49
CA LEU C 10 -5.75 -9.58 18.94
C LEU C 10 -4.48 -9.75 19.74
N GLY C 11 -4.53 -10.39 20.90
CA GLY C 11 -3.35 -10.58 21.71
C GLY C 11 -2.86 -9.34 22.41
N VAL C 12 -3.76 -8.45 22.82
CA VAL C 12 -3.37 -7.22 23.50
C VAL C 12 -2.77 -7.47 24.87
N ALA C 13 -2.90 -8.69 25.40
CA ALA C 13 -2.26 -9.07 26.65
C ALA C 13 -1.22 -10.17 26.44
N GLY C 14 -0.78 -10.36 25.21
CA GLY C 14 0.20 -11.35 24.77
C GLY C 14 0.79 -12.29 25.80
N GLY C 15 0.19 -13.47 25.95
CA GLY C 15 0.72 -14.51 26.81
C GLY C 15 0.13 -14.53 28.21
N MET C 16 -0.47 -13.42 28.64
CA MET C 16 -1.04 -13.37 29.98
C MET C 16 -2.21 -14.33 30.09
N GLY C 17 -2.07 -15.34 30.95
CA GLY C 17 -3.16 -16.25 31.19
C GLY C 17 -3.37 -17.31 30.14
N VAL C 18 -2.36 -17.61 29.32
CA VAL C 18 -2.40 -18.72 28.39
C VAL C 18 -1.46 -19.81 28.90
N TYR C 19 -1.93 -21.04 28.87
CA TYR C 19 -1.15 -22.16 29.38
C TYR C 19 -1.23 -23.34 28.41
C1 NAG D . 4.61 -15.22 3.74
C2 NAG D . 4.15 -15.64 5.14
C3 NAG D . 4.33 -17.15 5.30
C4 NAG D . 3.65 -17.90 4.16
C5 NAG D . 4.08 -17.34 2.80
C6 NAG D . 3.34 -17.94 1.64
C7 NAG D . 4.49 -14.87 7.44
C8 NAG D . 5.36 -14.07 8.37
N2 NAG D . 4.89 -14.93 6.17
O3 NAG D . 3.79 -17.58 6.55
O4 NAG D . 4.01 -19.28 4.22
O5 NAG D . 3.85 -15.92 2.76
O6 NAG D . 1.93 -17.82 1.79
O7 NAG D . 3.47 -15.43 7.84
C1 NAG E . -18.77 -1.77 -40.18
C2 NAG E . -19.77 -0.66 -40.54
C3 NAG E . -21.11 -0.91 -39.86
C4 NAG E . -21.63 -2.29 -40.21
C5 NAG E . -20.59 -3.35 -39.87
C6 NAG E . -20.99 -4.73 -40.33
C7 NAG E . -18.84 1.54 -41.09
C8 NAG E . -18.35 2.85 -40.56
N2 NAG E . -19.25 0.65 -40.18
O3 NAG E . -22.03 0.09 -40.28
O4 NAG E . -22.82 -2.55 -39.49
O5 NAG E . -19.34 -3.04 -40.52
O6 NAG E . -20.80 -5.69 -39.29
O7 NAG E . -18.86 1.29 -42.29
C1 NAG F . 13.92 7.40 22.60
C2 NAG F . 14.67 8.73 22.56
C3 NAG F . 15.40 8.89 21.23
C4 NAG F . 16.32 7.69 20.99
C5 NAG F . 15.52 6.40 21.07
C6 NAG F . 16.39 5.17 20.97
C7 NAG F . 13.94 10.73 23.78
C8 NAG F . 12.94 11.84 23.87
N2 NAG F . 13.78 9.86 22.78
O3 NAG F . 16.15 10.09 21.23
O4 NAG F . 16.93 7.79 19.71
O5 NAG F . 14.83 6.32 22.33
O6 NAG F . 15.67 3.99 21.31
O7 NAG F . 14.87 10.63 24.58
#